data_2WA1
#
_entry.id   2WA1
#
_cell.length_a   180.738
_cell.length_b   180.738
_cell.length_c   52.444
_cell.angle_alpha   90.00
_cell.angle_beta   90.00
_cell.angle_gamma   90.00
#
_symmetry.space_group_name_H-M   'I 4'
#
loop_
_entity.id
_entity.type
_entity.pdbx_description
1 polymer 'NON-STRUCTURAL PROTEIN 5'
2 non-polymer 'SULFATE ION'
3 water water
#
_entity_poly.entity_id   1
_entity_poly.type   'polypeptide(L)'
_entity_poly.pdbx_seq_one_letter_code
;MAHHHHHHGICSSAPTLGEIWKRKLNQLDAKEFMAYRRRFVVEVDRNEAREALAKGKTNTGHAVSRGTAKLAWIDERGGV
ELKGTVVDLGCGRGSWSYYAASQPNVREVKAYTLGTSGHEKPRLVETFGWNLITFKSKVDVTKMEPFQADTVLCDIGESN
PTAAVEASRTLTVLNVISRWLEYNQGCGFCVKVLNPYSCDVLEALMKMQARFGGGLIRVPLSRNSTHEMYFVSGIKNNIM
GNVTAVSRQLLKRMEEQGGERVVPDYKFSTGTRSNL
;
_entity_poly.pdbx_strand_id   A,B
#
loop_
_chem_comp.id
_chem_comp.type
_chem_comp.name
_chem_comp.formula
SO4 non-polymer 'SULFATE ION' 'O4 S -2'
#
# COMPACT_ATOMS: atom_id res chain seq x y z
N GLY A 9 4.43 25.24 -25.81
CA GLY A 9 5.90 25.02 -25.68
C GLY A 9 6.29 24.17 -24.47
N ILE A 10 6.59 24.84 -23.35
CA ILE A 10 7.12 24.18 -22.14
C ILE A 10 6.15 23.09 -21.63
N CYS A 11 4.85 23.41 -21.66
CA CYS A 11 3.82 22.57 -21.06
C CYS A 11 3.01 21.72 -22.08
N SER A 12 3.56 21.54 -23.28
CA SER A 12 2.80 20.89 -24.35
C SER A 12 2.67 19.38 -24.16
N SER A 13 3.71 18.75 -23.63
CA SER A 13 3.82 17.30 -23.60
C SER A 13 4.04 16.74 -22.19
N ALA A 14 4.92 17.40 -21.42
CA ALA A 14 5.38 16.87 -20.14
C ALA A 14 4.28 16.70 -19.08
N PRO A 15 3.39 17.70 -18.90
CA PRO A 15 2.27 17.49 -17.97
C PRO A 15 1.36 16.30 -18.35
N THR A 16 1.06 16.11 -19.64
CA THR A 16 0.24 14.97 -20.09
C THR A 16 0.86 13.61 -19.70
N LEU A 17 2.15 13.43 -20.05
CA LEU A 17 2.84 12.17 -19.82
C LEU A 17 2.98 11.84 -18.34
N GLY A 18 3.28 12.85 -17.55
CA GLY A 18 3.42 12.69 -16.11
C GLY A 18 2.11 12.35 -15.45
N GLU A 19 1.04 12.98 -15.91
CA GLU A 19 -0.27 12.70 -15.37
C GLU A 19 -0.77 11.32 -15.77
N ILE A 20 -0.43 10.85 -16.97
CA ILE A 20 -0.73 9.47 -17.35
C ILE A 20 0.03 8.51 -16.41
N TRP A 21 1.33 8.77 -16.23
CA TRP A 21 2.13 7.93 -15.32
C TRP A 21 1.48 7.87 -13.94
N LYS A 22 1.06 9.02 -13.39
CA LYS A 22 0.46 9.08 -12.05
C LYS A 22 -0.88 8.31 -11.93
N ARG A 23 -1.76 8.49 -12.91
CA ARG A 23 -3.06 7.83 -12.93
C ARG A 23 -2.87 6.32 -13.08
N LYS A 24 -1.91 5.91 -13.91
CA LYS A 24 -1.61 4.47 -14.08
C LYS A 24 -0.98 3.88 -12.81
N LEU A 25 -0.08 4.62 -12.17
CA LEU A 25 0.50 4.19 -10.89
C LEU A 25 -0.58 3.95 -9.84
N ASN A 26 -1.51 4.91 -9.75
CA ASN A 26 -2.62 4.88 -8.81
C ASN A 26 -3.65 3.75 -9.09
N GLN A 27 -3.60 3.17 -10.29
CA GLN A 27 -4.44 2.01 -10.63
C GLN A 27 -3.83 0.65 -10.30
N LEU A 28 -2.56 0.64 -9.91
CA LEU A 28 -1.87 -0.60 -9.56
C LEU A 28 -2.30 -1.06 -8.18
N ASP A 29 -2.54 -2.36 -8.06
CA ASP A 29 -2.89 -2.93 -6.79
C ASP A 29 -1.60 -3.17 -6.00
N ALA A 30 -1.72 -3.67 -4.77
CA ALA A 30 -0.58 -3.80 -3.86
C ALA A 30 0.60 -4.59 -4.45
N LYS A 31 0.32 -5.77 -5.01
CA LYS A 31 1.36 -6.60 -5.59
C LYS A 31 1.92 -5.97 -6.83
N GLU A 32 1.04 -5.44 -7.69
CA GLU A 32 1.52 -4.73 -8.88
C GLU A 32 2.45 -3.56 -8.54
N PHE A 33 2.10 -2.79 -7.51
CA PHE A 33 2.86 -1.61 -7.12
C PHE A 33 4.25 -2.03 -6.62
N MET A 34 4.30 -3.09 -5.82
CA MET A 34 5.56 -3.58 -5.29
C MET A 34 6.49 -4.11 -6.39
N ALA A 35 5.94 -4.88 -7.32
CA ALA A 35 6.71 -5.36 -8.46
C ALA A 35 7.18 -4.21 -9.33
N TYR A 36 6.28 -3.28 -9.65
CA TYR A 36 6.63 -2.18 -10.55
C TYR A 36 7.73 -1.27 -9.98
N ARG A 37 7.57 -0.86 -8.74
CA ARG A 37 8.38 0.20 -8.19
C ARG A 37 9.88 -0.14 -8.19
N ARG A 38 10.20 -1.44 -8.20
CA ARG A 38 11.58 -1.94 -8.15
C ARG A 38 12.12 -2.40 -9.52
N ARG A 39 11.26 -2.42 -10.54
CA ARG A 39 11.65 -2.94 -11.86
C ARG A 39 12.76 -2.12 -12.52
N PHE A 40 13.90 -2.78 -12.77
CA PHE A 40 15.11 -2.18 -13.37
C PHE A 40 15.71 -1.04 -12.54
N VAL A 41 15.36 -0.97 -11.25
CA VAL A 41 15.85 0.09 -10.40
C VAL A 41 17.21 -0.36 -9.82
N VAL A 42 18.18 0.56 -9.81
CA VAL A 42 19.56 0.26 -9.42
C VAL A 42 19.63 0.04 -7.91
N SER A 65 21.69 3.68 3.61
CA SER A 65 20.37 4.26 3.36
C SER A 65 20.18 4.70 1.92
N ARG A 66 18.93 4.63 1.47
CA ARG A 66 18.52 5.10 0.13
C ARG A 66 18.84 6.57 -0.14
N GLY A 67 18.62 7.42 0.87
CA GLY A 67 18.94 8.84 0.80
C GLY A 67 20.43 9.14 0.63
N THR A 68 21.28 8.49 1.45
CA THR A 68 22.74 8.62 1.29
C THR A 68 23.18 8.17 -0.09
N ALA A 69 22.71 6.98 -0.49
CA ALA A 69 23.08 6.43 -1.77
C ALA A 69 22.71 7.36 -2.92
N LYS A 70 21.56 8.02 -2.85
CA LYS A 70 21.19 8.97 -3.91
C LYS A 70 22.09 10.19 -3.98
N LEU A 71 22.39 10.81 -2.84
CA LEU A 71 23.30 11.95 -2.84
C LEU A 71 24.71 11.53 -3.31
N ALA A 72 25.16 10.37 -2.84
CA ALA A 72 26.45 9.81 -3.24
C ALA A 72 26.52 9.61 -4.75
N TRP A 73 25.44 9.08 -5.34
CA TRP A 73 25.39 8.89 -6.79
C TRP A 73 25.49 10.22 -7.55
N ILE A 74 24.74 11.24 -7.11
CA ILE A 74 24.78 12.56 -7.73
C ILE A 74 26.17 13.20 -7.60
N ASP A 75 26.73 13.13 -6.40
CA ASP A 75 28.13 13.55 -6.11
C ASP A 75 29.16 12.93 -7.08
N GLU A 76 29.20 11.60 -7.13
CA GLU A 76 30.15 10.90 -8.02
C GLU A 76 29.99 11.19 -9.52
N ARG A 77 28.80 11.60 -9.94
CA ARG A 77 28.56 11.95 -11.36
C ARG A 77 28.79 13.42 -11.65
N GLY A 78 29.21 14.16 -10.63
CA GLY A 78 29.56 15.57 -10.76
C GLY A 78 28.37 16.51 -10.70
N GLY A 79 27.28 16.06 -10.09
CA GLY A 79 26.05 16.86 -10.07
C GLY A 79 26.07 18.01 -9.10
N VAL A 80 26.85 17.86 -8.04
CA VAL A 80 26.99 18.92 -7.05
C VAL A 80 28.39 18.91 -6.38
N GLU A 81 29.06 20.05 -6.44
CA GLU A 81 30.33 20.23 -5.72
C GLU A 81 30.01 20.45 -4.24
N LEU A 82 30.28 19.45 -3.41
CA LEU A 82 30.07 19.58 -1.96
C LEU A 82 31.30 20.24 -1.33
N LYS A 83 31.11 21.47 -0.85
CA LYS A 83 32.23 22.30 -0.38
C LYS A 83 31.79 23.43 0.55
N GLY A 84 32.76 23.95 1.32
CA GLY A 84 32.56 25.09 2.18
C GLY A 84 31.49 24.84 3.21
N THR A 85 30.64 25.85 3.42
CA THR A 85 29.50 25.72 4.31
C THR A 85 28.32 25.12 3.52
N VAL A 86 27.85 23.97 4.01
CA VAL A 86 26.74 23.22 3.42
C VAL A 86 25.51 23.43 4.29
N VAL A 87 24.42 23.89 3.68
CA VAL A 87 23.12 23.93 4.35
C VAL A 87 22.25 22.77 3.84
N ASP A 88 21.74 21.99 4.77
CA ASP A 88 20.82 20.89 4.52
C ASP A 88 19.43 21.30 5.06
N LEU A 89 18.57 21.75 4.15
CA LEU A 89 17.18 22.14 4.50
C LEU A 89 16.23 20.93 4.46
N GLY A 90 15.57 20.70 5.58
CA GLY A 90 14.69 19.55 5.78
C GLY A 90 15.47 18.27 5.91
N CYS A 91 16.48 18.28 6.78
CA CYS A 91 17.46 17.22 6.87
C CYS A 91 16.90 15.86 7.28
N GLY A 92 15.76 15.84 7.96
CA GLY A 92 15.14 14.59 8.44
C GLY A 92 16.01 13.86 9.42
N ARG A 93 16.25 12.57 9.17
CA ARG A 93 17.14 11.74 10.00
C ARG A 93 18.63 12.09 9.82
N GLY A 94 18.95 12.89 8.81
CA GLY A 94 20.28 13.48 8.66
C GLY A 94 21.23 12.79 7.68
N SER A 95 20.71 11.90 6.83
CA SER A 95 21.55 11.16 5.86
C SER A 95 22.42 12.02 4.97
N TRP A 96 21.83 13.07 4.40
CA TRP A 96 22.55 13.96 3.50
C TRP A 96 23.61 14.78 4.28
N SER A 97 23.28 15.11 5.52
CA SER A 97 24.17 15.89 6.39
C SER A 97 25.40 15.07 6.75
N TYR A 98 25.18 13.81 7.12
CA TYR A 98 26.27 12.89 7.43
C TYR A 98 27.15 12.65 6.25
N TYR A 99 26.52 12.48 5.09
CA TYR A 99 27.28 12.29 3.89
C TYR A 99 28.15 13.52 3.57
N ALA A 100 27.54 14.71 3.55
CA ALA A 100 28.26 15.93 3.25
C ALA A 100 29.43 16.13 4.24
N ALA A 101 29.22 15.80 5.50
CA ALA A 101 30.21 16.05 6.57
C ALA A 101 31.44 15.12 6.46
N SER A 102 31.36 14.10 5.59
CA SER A 102 32.42 13.08 5.39
C SER A 102 33.20 13.39 4.12
N GLN A 103 32.83 14.47 3.46
CA GLN A 103 33.43 14.81 2.19
C GLN A 103 34.57 15.79 2.40
N PRO A 104 35.68 15.62 1.66
CA PRO A 104 36.97 16.33 1.91
C PRO A 104 37.03 17.85 1.81
N ASN A 105 36.16 18.48 1.00
CA ASN A 105 36.19 19.93 0.83
C ASN A 105 35.11 20.68 1.61
N VAL A 106 34.42 19.95 2.47
CA VAL A 106 33.31 20.51 3.28
C VAL A 106 33.87 21.03 4.59
N ARG A 107 33.50 22.26 4.96
CA ARG A 107 34.03 22.89 6.18
C ARG A 107 33.06 22.90 7.32
N GLU A 108 31.77 22.87 6.98
CA GLU A 108 30.72 22.93 7.95
C GLU A 108 29.37 22.48 7.33
N VAL A 109 28.54 21.85 8.16
CA VAL A 109 27.18 21.44 7.77
C VAL A 109 26.17 21.99 8.77
N LYS A 110 25.25 22.81 8.27
CA LYS A 110 24.20 23.41 9.11
C LYS A 110 22.89 22.78 8.64
N ALA A 111 22.29 21.94 9.48
CA ALA A 111 21.17 21.07 9.10
C ALA A 111 19.93 21.46 9.89
N TYR A 112 18.81 21.58 9.17
CA TYR A 112 17.57 22.09 9.77
C TYR A 112 16.40 21.21 9.38
N THR A 113 15.52 20.96 10.33
CA THR A 113 14.35 20.12 10.06
C THR A 113 13.19 20.42 11.00
N LEU A 114 11.98 20.03 10.61
CA LEU A 114 10.79 20.24 11.42
C LEU A 114 10.82 19.35 12.68
N GLY A 115 10.95 18.04 12.51
CA GLY A 115 11.26 17.11 13.61
C GLY A 115 10.23 17.01 14.74
N THR A 116 9.11 17.71 14.58
CA THR A 116 8.01 17.71 15.56
C THR A 116 7.18 16.43 15.37
N SER A 117 6.02 16.37 16.02
CA SER A 117 5.11 15.23 15.89
C SER A 117 4.80 14.90 14.42
N GLY A 118 5.09 13.67 14.02
CA GLY A 118 4.84 13.20 12.65
C GLY A 118 5.99 13.22 11.66
N HIS A 119 7.07 13.94 11.99
CA HIS A 119 8.17 14.13 11.04
C HIS A 119 9.51 13.51 11.50
N GLU A 120 10.41 13.29 10.54
CA GLU A 120 11.72 12.72 10.83
C GLU A 120 12.61 13.70 11.62
N LYS A 121 13.18 13.21 12.71
CA LYS A 121 14.15 13.97 13.50
C LYS A 121 15.60 13.46 13.36
N PRO A 122 16.60 14.36 13.49
CA PRO A 122 18.02 13.98 13.33
C PRO A 122 18.41 12.78 14.18
N ARG A 123 19.04 11.80 13.54
CA ARG A 123 19.58 10.63 14.22
C ARG A 123 21.09 10.83 14.46
N LEU A 124 21.51 10.63 15.72
CA LEU A 124 22.91 10.84 16.12
C LEU A 124 23.74 9.58 15.90
N VAL A 125 24.77 9.69 15.06
CA VAL A 125 25.73 8.60 14.87
C VAL A 125 27.17 9.05 15.13
N GLU A 126 27.99 8.10 15.56
CA GLU A 126 29.42 8.33 15.81
C GLU A 126 30.18 8.26 14.48
N THR A 127 30.58 9.43 14.04
CA THR A 127 31.19 9.62 12.75
C THR A 127 32.33 10.60 12.98
N PHE A 128 33.37 10.52 12.17
CA PHE A 128 34.44 11.53 12.22
C PHE A 128 33.93 12.92 11.84
N GLY A 129 32.88 12.99 11.05
CA GLY A 129 32.29 14.29 10.69
C GLY A 129 31.42 14.91 11.78
N TRP A 130 31.33 14.25 12.94
CA TRP A 130 30.38 14.62 14.02
C TRP A 130 30.44 16.10 14.38
N ASN A 131 31.65 16.62 14.53
CA ASN A 131 31.77 17.98 15.02
C ASN A 131 31.60 19.03 13.92
N LEU A 132 31.53 18.63 12.64
CA LEU A 132 31.20 19.56 11.55
C LEU A 132 29.71 19.90 11.39
N ILE A 133 28.85 19.08 12.02
CA ILE A 133 27.39 19.20 11.85
C ILE A 133 26.74 19.85 13.04
N THR A 134 25.86 20.80 12.77
CA THR A 134 24.93 21.29 13.77
C THR A 134 23.50 21.03 13.32
N PHE A 135 22.76 20.21 14.08
CA PHE A 135 21.34 19.92 13.82
C PHE A 135 20.45 20.86 14.59
N LYS A 136 19.48 21.46 13.91
CA LYS A 136 18.45 22.27 14.57
C LYS A 136 17.06 21.74 14.20
N SER A 137 16.32 21.32 15.23
CA SER A 137 14.94 20.81 15.10
C SER A 137 13.93 21.93 15.32
N LYS A 138 12.65 21.59 15.13
CA LYS A 138 11.55 22.54 15.33
C LYS A 138 11.72 23.80 14.50
N VAL A 139 12.30 23.61 13.32
CA VAL A 139 12.51 24.70 12.38
C VAL A 139 11.58 24.54 11.18
N ASP A 140 10.81 25.57 10.89
CA ASP A 140 10.10 25.65 9.62
C ASP A 140 11.03 26.29 8.58
N VAL A 141 11.59 25.49 7.68
CA VAL A 141 12.55 26.02 6.70
C VAL A 141 11.93 26.93 5.65
N THR A 142 10.60 26.91 5.53
CA THR A 142 9.90 27.85 4.63
C THR A 142 9.91 29.28 5.19
N LYS A 143 10.15 29.40 6.50
CA LYS A 143 10.18 30.71 7.18
C LYS A 143 11.59 31.22 7.55
N MET A 144 12.62 30.39 7.40
CA MET A 144 14.02 30.78 7.69
C MET A 144 14.54 31.79 6.70
N GLU A 145 15.15 32.88 7.19
CA GLU A 145 15.88 33.78 6.29
C GLU A 145 17.16 33.08 5.79
N PRO A 146 17.52 33.25 4.50
CA PRO A 146 18.78 32.69 4.01
C PRO A 146 20.02 33.34 4.64
N PHE A 147 21.11 32.60 4.68
CA PHE A 147 22.39 33.10 5.19
C PHE A 147 23.50 32.48 4.35
N GLN A 148 24.76 32.79 4.65
CA GLN A 148 25.90 32.32 3.81
C GLN A 148 25.92 30.81 3.66
N ALA A 149 26.06 30.37 2.41
CA ALA A 149 26.16 28.96 2.12
C ALA A 149 26.91 28.79 0.83
N ASP A 150 27.86 27.88 0.82
CA ASP A 150 28.52 27.54 -0.43
C ASP A 150 27.81 26.42 -1.17
N THR A 151 27.02 25.64 -0.43
CA THR A 151 26.34 24.47 -1.02
C THR A 151 24.96 24.41 -0.40
N VAL A 152 23.91 24.41 -1.22
CA VAL A 152 22.53 24.31 -0.71
C VAL A 152 21.93 22.94 -1.04
N LEU A 153 21.57 22.17 -0.01
CA LEU A 153 21.03 20.84 -0.23
C LEU A 153 19.62 20.83 0.34
N CYS A 154 18.70 20.15 -0.37
CA CYS A 154 17.33 20.02 0.13
C CYS A 154 16.67 18.78 -0.50
N ASP A 155 16.34 17.79 0.30
CA ASP A 155 15.67 16.60 -0.20
C ASP A 155 14.18 16.57 0.20
N ILE A 156 13.54 17.73 0.30
CA ILE A 156 12.16 17.82 0.80
C ILE A 156 11.17 17.40 -0.31
N GLY A 157 10.20 16.57 0.06
CA GLY A 157 9.03 16.29 -0.82
C GLY A 157 8.39 14.97 -0.51
N GLU A 158 7.27 15.00 0.21
CA GLU A 158 6.60 13.78 0.61
C GLU A 158 5.63 13.34 -0.53
N SER A 159 5.82 12.13 -1.07
CA SER A 159 4.90 11.63 -2.09
C SER A 159 3.42 11.65 -1.60
N ASN A 160 2.49 11.92 -2.53
CA ASN A 160 1.05 11.92 -2.22
C ASN A 160 0.31 11.39 -3.48
N PRO A 161 -0.79 10.64 -3.31
CA PRO A 161 -1.50 10.13 -4.52
C PRO A 161 -2.06 11.22 -5.46
N THR A 162 -2.30 12.43 -4.94
CA THR A 162 -2.78 13.53 -5.79
C THR A 162 -1.59 14.35 -6.32
N ALA A 163 -1.41 14.38 -7.65
CA ALA A 163 -0.24 15.03 -8.28
C ALA A 163 -0.21 16.54 -8.00
N ALA A 164 -1.40 17.15 -7.93
CA ALA A 164 -1.56 18.58 -7.67
C ALA A 164 -1.02 18.92 -6.29
N VAL A 165 -1.25 18.05 -5.32
CA VAL A 165 -0.69 18.21 -3.97
C VAL A 165 0.83 18.19 -4.03
N GLU A 166 1.39 17.20 -4.73
CA GLU A 166 2.82 17.10 -4.96
C GLU A 166 3.37 18.33 -5.68
N ALA A 167 2.60 18.86 -6.62
CA ALA A 167 3.04 20.04 -7.38
C ALA A 167 3.12 21.26 -6.46
N SER A 168 2.14 21.45 -5.58
CA SER A 168 2.20 22.62 -4.70
C SER A 168 3.34 22.49 -3.69
N ARG A 169 3.60 21.25 -3.24
CA ARG A 169 4.74 20.97 -2.37
C ARG A 169 6.05 21.29 -3.12
N THR A 170 6.11 20.91 -4.39
CA THR A 170 7.34 21.07 -5.15
C THR A 170 7.62 22.55 -5.34
N LEU A 171 6.57 23.31 -5.66
CA LEU A 171 6.68 24.76 -5.89
C LEU A 171 7.10 25.51 -4.63
N THR A 172 6.56 25.10 -3.49
CA THR A 172 6.96 25.62 -2.20
C THR A 172 8.47 25.44 -1.94
N VAL A 173 8.98 24.22 -2.13
CA VAL A 173 10.42 23.93 -2.03
C VAL A 173 11.23 24.82 -3.01
N LEU A 174 10.81 24.90 -4.27
CA LEU A 174 11.56 25.67 -5.24
C LEU A 174 11.60 27.18 -4.93
N ASN A 175 10.48 27.74 -4.46
CA ASN A 175 10.44 29.14 -4.07
C ASN A 175 11.38 29.42 -2.88
N VAL A 176 11.33 28.58 -1.86
CA VAL A 176 12.29 28.62 -0.76
C VAL A 176 13.74 28.58 -1.25
N ILE A 177 14.06 27.60 -2.11
CA ILE A 177 15.41 27.40 -2.61
C ILE A 177 15.91 28.59 -3.44
N SER A 178 15.00 29.21 -4.21
CA SER A 178 15.30 30.42 -4.97
C SER A 178 15.90 31.55 -4.13
N ARG A 179 15.38 31.78 -2.94
CA ARG A 179 15.91 32.86 -2.12
C ARG A 179 17.32 32.54 -1.62
N TRP A 180 17.61 31.26 -1.40
CA TRP A 180 18.97 30.82 -0.98
C TRP A 180 19.96 30.94 -2.11
N LEU A 181 19.54 30.61 -3.33
CA LEU A 181 20.41 30.68 -4.49
C LEU A 181 20.66 32.12 -4.95
N GLU A 182 19.67 32.97 -4.70
CA GLU A 182 19.78 34.39 -5.00
C GLU A 182 20.70 35.06 -3.98
N TYR A 183 20.49 34.75 -2.70
CA TYR A 183 21.33 35.27 -1.62
C TYR A 183 22.80 34.83 -1.79
N ASN A 184 23.01 33.58 -2.20
CA ASN A 184 24.35 33.03 -2.36
C ASN A 184 24.76 32.84 -3.82
N GLN A 185 25.07 33.93 -4.49
CA GLN A 185 25.40 33.90 -5.91
C GLN A 185 26.52 32.91 -6.16
N GLY A 186 26.30 31.99 -7.09
CA GLY A 186 27.35 31.06 -7.50
C GLY A 186 27.47 29.78 -6.69
N CYS A 187 26.67 29.65 -5.62
CA CYS A 187 26.72 28.46 -4.81
C CYS A 187 26.31 27.18 -5.57
N GLY A 188 26.75 26.03 -5.05
CA GLY A 188 26.25 24.74 -5.48
C GLY A 188 24.92 24.39 -4.86
N PHE A 189 24.22 23.46 -5.48
CA PHE A 189 22.91 23.05 -4.99
C PHE A 189 22.52 21.69 -5.54
N CYS A 190 21.69 21.00 -4.77
CA CYS A 190 21.12 19.73 -5.16
C CYS A 190 19.79 19.69 -4.42
N VAL A 191 18.70 19.83 -5.18
CA VAL A 191 17.37 20.04 -4.64
C VAL A 191 16.41 19.02 -5.25
N LYS A 192 15.64 18.32 -4.42
CA LYS A 192 14.61 17.40 -4.92
C LYS A 192 13.45 18.20 -5.56
N VAL A 193 13.01 17.72 -6.72
CA VAL A 193 11.80 18.19 -7.41
C VAL A 193 10.90 16.95 -7.50
N LEU A 194 9.98 16.85 -6.54
CA LEU A 194 9.13 15.71 -6.31
C LEU A 194 8.24 15.42 -7.53
N ASN A 195 7.56 16.47 -7.98
CA ASN A 195 6.74 16.47 -9.21
C ASN A 195 7.35 17.44 -10.20
N PRO A 196 8.16 16.94 -11.16
CA PRO A 196 8.80 17.85 -12.09
C PRO A 196 8.03 18.09 -13.40
N TYR A 197 6.89 17.43 -13.60
CA TYR A 197 6.15 17.51 -14.87
C TYR A 197 4.97 18.46 -14.83
N SER A 198 4.60 18.92 -13.65
CA SER A 198 3.53 19.88 -13.51
C SER A 198 3.94 21.16 -14.24
N CYS A 199 3.00 21.79 -14.95
CA CYS A 199 3.31 22.98 -15.75
C CYS A 199 3.91 24.15 -14.94
N ASP A 200 3.33 24.46 -13.80
CA ASP A 200 3.83 25.52 -12.96
C ASP A 200 5.25 25.24 -12.43
N VAL A 201 5.53 23.97 -12.10
CA VAL A 201 6.88 23.54 -11.68
C VAL A 201 7.89 23.69 -12.82
N LEU A 202 7.52 23.23 -14.01
CA LEU A 202 8.38 23.39 -15.18
C LEU A 202 8.75 24.86 -15.46
N GLU A 203 7.77 25.75 -15.34
CA GLU A 203 7.96 27.18 -15.54
C GLU A 203 8.86 27.78 -14.47
N ALA A 204 8.61 27.44 -13.20
CA ALA A 204 9.50 27.84 -12.12
C ALA A 204 10.91 27.32 -12.34
N LEU A 205 11.07 26.06 -12.78
CA LEU A 205 12.39 25.46 -13.07
C LEU A 205 13.17 26.15 -14.22
N MET A 206 12.45 26.52 -15.29
CA MET A 206 13.06 27.25 -16.40
C MET A 206 13.62 28.61 -15.96
N LYS A 207 12.87 29.27 -15.08
CA LYS A 207 13.24 30.57 -14.52
C LYS A 207 14.49 30.42 -13.66
N MET A 208 14.49 29.41 -12.80
CA MET A 208 15.65 29.09 -11.95
C MET A 208 16.89 28.68 -12.74
N GLN A 209 16.74 27.82 -13.76
CA GLN A 209 17.87 27.45 -14.59
C GLN A 209 18.44 28.70 -15.28
N ALA A 210 17.56 29.63 -15.67
CA ALA A 210 17.95 30.90 -16.30
C ALA A 210 18.75 31.80 -15.35
N ARG A 211 18.25 31.98 -14.12
CA ARG A 211 18.96 32.75 -13.11
C ARG A 211 20.25 32.06 -12.63
N PHE A 212 20.16 30.78 -12.26
CA PHE A 212 21.25 30.07 -11.54
C PHE A 212 21.96 28.95 -12.30
N GLY A 213 21.54 28.67 -13.53
CA GLY A 213 22.16 27.60 -14.32
C GLY A 213 21.76 26.24 -13.78
N GLY A 214 22.59 25.23 -14.05
CA GLY A 214 22.31 23.88 -13.62
C GLY A 214 21.36 23.12 -14.54
N GLY A 215 20.80 22.03 -14.01
CA GLY A 215 19.98 21.13 -14.82
C GLY A 215 19.13 20.23 -13.96
N LEU A 216 18.41 19.31 -14.60
CA LEU A 216 17.49 18.44 -13.87
C LEU A 216 17.79 17.01 -14.22
N ILE A 217 18.16 16.21 -13.23
CA ILE A 217 18.59 14.86 -13.49
C ILE A 217 17.75 13.79 -12.80
N ARG A 218 17.72 12.61 -13.38
CA ARG A 218 17.04 11.49 -12.71
C ARG A 218 18.11 10.58 -12.10
N VAL A 219 17.94 10.23 -10.83
CA VAL A 219 18.82 9.27 -10.19
C VAL A 219 18.26 7.86 -10.40
N PRO A 220 19.07 6.94 -10.99
CA PRO A 220 18.58 5.57 -11.27
C PRO A 220 18.26 4.69 -10.08
N LEU A 221 18.66 5.10 -8.89
CA LEU A 221 18.30 4.42 -7.65
C LEU A 221 16.90 4.78 -7.22
N SER A 222 16.37 5.90 -7.73
CA SER A 222 14.97 6.30 -7.46
C SER A 222 14.03 5.18 -7.92
N ARG A 223 13.05 4.89 -7.11
CA ARG A 223 12.05 3.88 -7.46
C ARG A 223 11.13 4.39 -8.59
N ASN A 224 10.53 3.47 -9.34
CA ASN A 224 9.60 3.83 -10.43
C ASN A 224 8.28 4.43 -9.92
N SER A 225 8.02 4.23 -8.64
CA SER A 225 6.83 4.76 -7.97
C SER A 225 6.94 6.24 -7.58
N THR A 226 8.09 6.85 -7.84
CA THR A 226 8.23 8.31 -7.72
C THR A 226 8.82 8.90 -8.99
N HIS A 227 8.32 10.06 -9.41
CA HIS A 227 8.86 10.76 -10.57
C HIS A 227 9.96 11.79 -10.14
N GLU A 228 10.41 11.70 -8.87
CA GLU A 228 11.35 12.67 -8.33
C GLU A 228 12.56 12.86 -9.24
N MET A 229 12.94 14.13 -9.44
CA MET A 229 14.19 14.46 -10.14
C MET A 229 14.97 15.49 -9.30
N TYR A 230 16.22 15.74 -9.62
CA TYR A 230 17.07 16.61 -8.78
C TYR A 230 17.61 17.78 -9.59
N PHE A 231 17.31 19.00 -9.13
CA PHE A 231 17.81 20.25 -9.70
C PHE A 231 19.22 20.48 -9.13
N VAL A 232 20.23 20.36 -10.00
CA VAL A 232 21.63 20.29 -9.61
C VAL A 232 22.48 21.34 -10.30
N SER A 233 23.51 21.84 -9.61
CA SER A 233 24.33 22.94 -10.11
C SER A 233 25.38 22.47 -11.09
N GLY A 234 25.87 21.24 -10.91
CA GLY A 234 27.04 20.78 -11.65
C GLY A 234 26.78 20.13 -13.01
N ILE A 235 25.51 19.95 -13.37
CA ILE A 235 25.15 19.39 -14.70
C ILE A 235 24.23 20.37 -15.42
N LYS A 236 24.54 20.68 -16.67
CA LYS A 236 23.71 21.53 -17.48
C LYS A 236 23.00 20.67 -18.52
N ASN A 237 21.68 20.78 -18.56
CA ASN A 237 20.90 19.96 -19.49
C ASN A 237 19.58 20.61 -19.89
N ASN A 238 18.87 19.92 -20.77
CA ASN A 238 17.57 20.39 -21.22
C ASN A 238 16.54 19.82 -20.24
N ILE A 239 15.97 20.67 -19.40
CA ILE A 239 15.06 20.25 -18.34
C ILE A 239 13.79 19.53 -18.89
N MET A 240 13.10 20.18 -19.83
CA MET A 240 11.85 19.64 -20.40
C MET A 240 12.10 18.29 -21.08
N GLY A 241 13.14 18.21 -21.91
CA GLY A 241 13.49 16.96 -22.55
C GLY A 241 13.80 15.84 -21.59
N ASN A 242 14.42 16.16 -20.44
CA ASN A 242 14.75 15.15 -19.45
C ASN A 242 13.53 14.66 -18.66
N VAL A 243 12.66 15.59 -18.32
CA VAL A 243 11.40 15.27 -17.66
C VAL A 243 10.58 14.30 -18.51
N THR A 244 10.46 14.60 -19.80
CA THR A 244 9.63 13.80 -20.69
C THR A 244 10.31 12.45 -20.90
N ALA A 245 11.64 12.42 -20.98
CA ALA A 245 12.35 11.14 -21.13
C ALA A 245 12.09 10.26 -19.95
N VAL A 246 12.09 10.85 -18.74
CA VAL A 246 11.80 10.12 -17.51
C VAL A 246 10.36 9.59 -17.50
N SER A 247 9.38 10.43 -17.82
CA SER A 247 7.99 9.96 -17.94
C SER A 247 7.92 8.77 -18.90
N ARG A 248 8.54 8.88 -20.07
CA ARG A 248 8.43 7.82 -21.06
C ARG A 248 9.07 6.52 -20.56
N GLN A 249 10.20 6.64 -19.85
CA GLN A 249 10.89 5.47 -19.26
C GLN A 249 10.03 4.84 -18.15
N LEU A 250 9.46 5.66 -17.27
CA LEU A 250 8.65 5.11 -16.19
C LEU A 250 7.34 4.45 -16.75
N LEU A 251 6.81 5.00 -17.84
CA LEU A 251 5.61 4.39 -18.47
C LEU A 251 5.94 3.05 -19.14
N LYS A 252 7.00 3.04 -19.93
CA LYS A 252 7.52 1.83 -20.53
C LYS A 252 7.76 0.69 -19.53
N ARG A 253 8.38 1.01 -18.39
CA ARG A 253 8.64 0.01 -17.34
C ARG A 253 7.37 -0.57 -16.73
N MET A 254 6.26 0.17 -16.85
CA MET A 254 4.99 -0.24 -16.28
C MET A 254 4.28 -1.30 -17.14
N GLU A 255 4.63 -1.36 -18.42
CA GLU A 255 4.11 -2.40 -19.31
C GLU A 255 5.01 -3.66 -19.40
N GLU A 256 6.15 -3.62 -18.71
CA GLU A 256 7.25 -4.60 -18.82
C GLU A 256 7.27 -5.60 -17.67
N ALA B 14 -25.93 9.29 -8.25
CA ALA B 14 -24.87 9.98 -7.42
C ALA B 14 -23.98 8.95 -6.69
N PRO B 15 -22.67 9.27 -6.52
CA PRO B 15 -21.85 8.31 -5.77
C PRO B 15 -22.48 7.90 -4.44
N THR B 16 -22.44 6.60 -4.21
CA THR B 16 -22.86 6.01 -2.98
C THR B 16 -21.85 6.38 -1.90
N LEU B 17 -22.23 6.12 -0.66
CA LEU B 17 -21.31 6.27 0.43
C LEU B 17 -20.04 5.43 0.24
N GLY B 18 -20.19 4.21 -0.30
CA GLY B 18 -19.04 3.32 -0.51
C GLY B 18 -18.10 3.89 -1.56
N GLU B 19 -18.66 4.45 -2.62
CA GLU B 19 -17.88 5.11 -3.67
C GLU B 19 -17.12 6.31 -3.09
N ILE B 20 -17.74 7.02 -2.16
CA ILE B 20 -17.12 8.19 -1.51
C ILE B 20 -15.99 7.73 -0.62
N TRP B 21 -16.24 6.65 0.14
CA TRP B 21 -15.21 6.01 0.94
C TRP B 21 -13.99 5.61 0.08
N LYS B 22 -14.26 4.98 -1.05
CA LYS B 22 -13.19 4.46 -1.91
C LYS B 22 -12.33 5.59 -2.46
N ARG B 23 -12.98 6.64 -2.94
CA ARG B 23 -12.27 7.81 -3.44
C ARG B 23 -11.41 8.42 -2.31
N LYS B 24 -11.98 8.60 -1.12
CA LYS B 24 -11.20 9.13 0.03
C LYS B 24 -10.01 8.21 0.39
N LEU B 25 -10.24 6.89 0.37
CA LEU B 25 -9.18 5.91 0.65
C LEU B 25 -7.99 6.08 -0.30
N ASN B 26 -8.27 6.18 -1.60
CA ASN B 26 -7.26 6.34 -2.64
C ASN B 26 -6.53 7.69 -2.57
N GLN B 27 -7.10 8.66 -1.85
CA GLN B 27 -6.40 9.94 -1.61
C GLN B 27 -5.41 9.97 -0.41
N LEU B 28 -5.49 8.97 0.48
CA LEU B 28 -4.61 8.86 1.64
C LEU B 28 -3.18 8.50 1.27
N ASP B 29 -2.23 9.21 1.88
CA ASP B 29 -0.83 8.91 1.65
C ASP B 29 -0.40 7.68 2.48
N ALA B 30 0.86 7.28 2.36
CA ALA B 30 1.31 6.03 2.98
C ALA B 30 1.14 6.05 4.46
N LYS B 31 1.52 7.17 5.11
CA LYS B 31 1.33 7.28 6.55
C LYS B 31 -0.14 7.38 6.98
N GLU B 32 -0.93 8.19 6.26
CA GLU B 32 -2.35 8.27 6.60
C GLU B 32 -3.06 6.91 6.39
N PHE B 33 -2.72 6.24 5.30
CA PHE B 33 -3.31 4.93 4.96
C PHE B 33 -2.99 3.90 6.07
N MET B 34 -1.75 3.90 6.54
CA MET B 34 -1.33 2.91 7.54
C MET B 34 -1.96 3.15 8.89
N ALA B 35 -2.10 4.41 9.31
CA ALA B 35 -2.84 4.76 10.52
C ALA B 35 -4.35 4.48 10.40
N TYR B 36 -4.93 4.84 9.27
CA TYR B 36 -6.35 4.59 9.04
C TYR B 36 -6.73 3.09 9.03
N ARG B 37 -5.98 2.26 8.33
CA ARG B 37 -6.45 0.90 8.04
C ARG B 37 -6.65 0.06 9.29
N ARG B 38 -5.89 0.37 10.35
CA ARG B 38 -5.95 -0.41 11.60
C ARG B 38 -6.79 0.26 12.67
N ARG B 39 -7.30 1.48 12.43
CA ARG B 39 -8.03 2.23 13.48
C ARG B 39 -9.29 1.54 14.02
N PHE B 40 -9.24 1.13 15.31
CA PHE B 40 -10.34 0.42 15.97
C PHE B 40 -10.59 -0.98 15.41
N VAL B 41 -9.65 -1.48 14.62
CA VAL B 41 -9.76 -2.81 13.98
C VAL B 41 -9.31 -3.90 14.99
N VAL B 42 -10.06 -4.99 15.06
CA VAL B 42 -9.62 -6.14 15.87
C VAL B 42 -8.47 -6.86 15.13
N GLU B 43 -7.25 -6.68 15.62
CA GLU B 43 -6.07 -7.27 15.01
C GLU B 43 -5.58 -8.44 15.85
N VAL B 44 -5.58 -9.63 15.28
CA VAL B 44 -4.97 -10.76 15.98
C VAL B 44 -3.44 -10.59 16.05
N ASP B 45 -2.87 -10.95 17.21
CA ASP B 45 -1.42 -10.92 17.34
C ASP B 45 -0.79 -12.13 16.64
N ARG B 46 -0.13 -11.86 15.51
CA ARG B 46 0.40 -12.93 14.63
C ARG B 46 1.90 -13.17 14.81
N ASN B 47 2.50 -12.54 15.83
CA ASN B 47 3.98 -12.58 16.00
C ASN B 47 4.55 -13.99 16.27
N GLU B 48 3.95 -14.69 17.23
CA GLU B 48 4.32 -16.07 17.58
C GLU B 48 4.13 -17.05 16.37
N ALA B 49 2.98 -16.94 15.71
CA ALA B 49 2.68 -17.75 14.52
C ALA B 49 3.66 -17.50 13.40
N ARG B 50 3.93 -16.21 13.13
CA ARG B 50 4.78 -15.80 12.04
C ARG B 50 6.21 -16.34 12.21
N GLU B 51 6.68 -16.34 13.46
CA GLU B 51 7.99 -16.85 13.85
C GLU B 51 8.10 -18.38 13.68
N ALA B 52 7.16 -19.11 14.30
CA ALA B 52 7.05 -20.56 14.11
C ALA B 52 7.02 -20.94 12.64
N LEU B 53 6.15 -20.30 11.87
CA LEU B 53 6.05 -20.58 10.43
C LEU B 53 7.33 -20.28 9.68
N ALA B 54 7.99 -19.16 10.03
CA ALA B 54 9.24 -18.75 9.38
C ALA B 54 10.36 -19.78 9.62
N LYS B 55 10.28 -20.48 10.74
CA LYS B 55 11.25 -21.53 11.05
C LYS B 55 10.83 -22.87 10.44
N GLY B 56 9.69 -22.87 9.73
CA GLY B 56 9.24 -24.07 9.03
C GLY B 56 8.60 -25.14 9.90
N LYS B 57 8.10 -24.74 11.06
CA LYS B 57 7.39 -25.63 11.96
C LYS B 57 5.95 -25.88 11.50
N THR B 58 5.48 -27.09 11.76
CA THR B 58 4.15 -27.54 11.35
C THR B 58 3.37 -28.07 12.52
N ASN B 59 4.00 -28.10 13.70
CA ASN B 59 3.38 -28.76 14.86
C ASN B 59 3.04 -27.84 16.02
N THR B 60 2.92 -26.54 15.74
CA THR B 60 2.79 -25.55 16.80
C THR B 60 1.36 -25.05 17.09
N GLY B 61 0.39 -25.51 16.31
CA GLY B 61 -1.01 -25.11 16.50
C GLY B 61 -1.37 -23.71 15.95
N HIS B 62 -0.48 -23.12 15.18
CA HIS B 62 -0.74 -21.78 14.64
C HIS B 62 -1.55 -21.76 13.34
N ALA B 63 -2.34 -20.72 13.19
CA ALA B 63 -3.07 -20.49 11.95
C ALA B 63 -2.08 -19.98 10.90
N VAL B 64 -2.30 -20.32 9.62
CA VAL B 64 -1.41 -19.92 8.54
C VAL B 64 -1.56 -18.49 8.04
N SER B 65 -2.66 -17.86 8.46
CA SER B 65 -2.91 -16.43 8.22
C SER B 65 -3.97 -15.97 9.21
N ARG B 66 -4.22 -14.65 9.22
CA ARG B 66 -5.30 -14.05 10.01
C ARG B 66 -6.73 -14.42 9.55
N GLY B 67 -6.82 -15.09 8.40
CA GLY B 67 -8.10 -15.58 7.88
C GLY B 67 -8.82 -16.54 8.81
N THR B 68 -8.08 -17.35 9.56
CA THR B 68 -8.71 -18.31 10.48
C THR B 68 -9.57 -17.60 11.54
N ALA B 69 -8.99 -16.58 12.17
CA ALA B 69 -9.68 -15.79 13.18
C ALA B 69 -10.94 -15.13 12.63
N LYS B 70 -10.89 -14.67 11.37
CA LYS B 70 -12.10 -14.15 10.69
C LYS B 70 -13.23 -15.15 10.55
N LEU B 71 -12.94 -16.33 10.00
CA LEU B 71 -13.97 -17.37 9.94
C LEU B 71 -14.44 -17.80 11.33
N ALA B 72 -13.51 -17.94 12.27
CA ALA B 72 -13.90 -18.28 13.65
C ALA B 72 -14.90 -17.29 14.21
N TRP B 73 -14.67 -16.01 13.93
CA TRP B 73 -15.54 -14.93 14.45
C TRP B 73 -16.94 -15.15 13.93
N ILE B 74 -17.06 -15.41 12.64
CA ILE B 74 -18.33 -15.68 11.98
C ILE B 74 -18.97 -16.98 12.49
N ASP B 75 -18.18 -18.05 12.49
CA ASP B 75 -18.69 -19.35 12.95
C ASP B 75 -19.23 -19.29 14.40
N GLU B 76 -18.43 -18.70 15.31
CA GLU B 76 -18.81 -18.61 16.72
C GLU B 76 -20.11 -17.83 16.97
N ARG B 77 -20.49 -16.95 16.05
CA ARG B 77 -21.73 -16.21 16.20
C ARG B 77 -22.88 -16.79 15.39
N GLY B 78 -22.69 -18.01 14.92
CA GLY B 78 -23.74 -18.72 14.19
C GLY B 78 -23.98 -18.34 12.74
N GLY B 79 -22.99 -17.76 12.06
CA GLY B 79 -23.20 -17.32 10.68
C GLY B 79 -23.11 -18.43 9.63
N VAL B 80 -22.52 -19.56 9.99
CA VAL B 80 -22.39 -20.67 9.01
C VAL B 80 -22.25 -22.00 9.72
N GLU B 81 -23.09 -22.93 9.32
CA GLU B 81 -23.05 -24.31 9.84
C GLU B 81 -21.96 -25.08 9.08
N LEU B 82 -20.87 -25.39 9.76
CA LEU B 82 -19.75 -26.10 9.14
C LEU B 82 -19.95 -27.60 9.40
N LYS B 83 -20.22 -28.36 8.35
CA LYS B 83 -20.52 -29.80 8.47
C LYS B 83 -20.29 -30.56 7.18
N GLY B 84 -20.16 -31.88 7.32
CA GLY B 84 -20.07 -32.82 6.22
C GLY B 84 -18.92 -32.52 5.27
N THR B 85 -19.23 -32.46 3.99
CA THR B 85 -18.25 -32.11 2.93
C THR B 85 -18.24 -30.60 2.76
N VAL B 86 -17.08 -30.02 3.06
CA VAL B 86 -16.83 -28.58 2.98
C VAL B 86 -15.98 -28.36 1.75
N VAL B 87 -16.44 -27.49 0.87
CA VAL B 87 -15.59 -27.01 -0.22
C VAL B 87 -15.08 -25.62 0.15
N ASP B 88 -13.77 -25.42 0.00
CA ASP B 88 -13.16 -24.10 0.21
C ASP B 88 -12.64 -23.63 -1.15
N LEU B 89 -13.35 -22.66 -1.73
CA LEU B 89 -13.05 -22.18 -3.08
C LEU B 89 -12.09 -21.00 -3.06
N GLY B 90 -10.94 -21.13 -3.72
CA GLY B 90 -9.88 -20.09 -3.67
C GLY B 90 -9.27 -20.08 -2.28
N CYS B 91 -8.84 -21.26 -1.83
CA CYS B 91 -8.40 -21.41 -0.45
C CYS B 91 -7.13 -20.65 -0.03
N GLY B 92 -6.28 -20.28 -0.99
CA GLY B 92 -5.02 -19.54 -0.71
C GLY B 92 -4.13 -20.41 0.17
N ARG B 93 -3.61 -19.85 1.24
CA ARG B 93 -2.79 -20.59 2.18
C ARG B 93 -3.52 -21.74 2.88
N GLY B 94 -4.85 -21.62 3.01
CA GLY B 94 -5.68 -22.68 3.55
C GLY B 94 -6.29 -22.37 4.91
N SER B 95 -6.21 -21.10 5.36
CA SER B 95 -6.66 -20.75 6.71
C SER B 95 -8.10 -21.13 7.02
N TRP B 96 -8.99 -21.03 6.03
CA TRP B 96 -10.39 -21.42 6.26
C TRP B 96 -10.56 -22.93 6.29
N SER B 97 -9.80 -23.62 5.44
CA SER B 97 -9.79 -25.08 5.37
C SER B 97 -9.27 -25.68 6.68
N TYR B 98 -8.17 -25.16 7.21
CA TYR B 98 -7.72 -25.60 8.54
C TYR B 98 -8.73 -25.34 9.62
N TYR B 99 -9.40 -24.19 9.58
CA TYR B 99 -10.43 -23.96 10.58
C TYR B 99 -11.58 -24.99 10.47
N ALA B 100 -12.14 -25.15 9.28
CA ALA B 100 -13.23 -26.13 9.05
C ALA B 100 -12.83 -27.56 9.43
N ALA B 101 -11.63 -27.98 9.01
CA ALA B 101 -11.12 -29.32 9.29
C ALA B 101 -11.04 -29.65 10.79
N SER B 102 -10.92 -28.61 11.63
CA SER B 102 -10.81 -28.80 13.07
C SER B 102 -12.15 -28.90 13.76
N GLN B 103 -13.24 -28.66 13.03
CA GLN B 103 -14.55 -28.50 13.64
C GLN B 103 -15.33 -29.82 13.65
N PRO B 104 -16.11 -30.06 14.73
CA PRO B 104 -16.71 -31.37 15.06
C PRO B 104 -17.57 -32.05 13.98
N ASN B 105 -18.38 -31.30 13.26
CA ASN B 105 -19.31 -31.90 12.33
C ASN B 105 -18.77 -31.99 10.91
N VAL B 106 -17.58 -31.45 10.68
CA VAL B 106 -16.92 -31.50 9.37
C VAL B 106 -16.29 -32.89 9.13
N ARG B 107 -16.50 -33.45 7.94
CA ARG B 107 -15.98 -34.78 7.61
C ARG B 107 -14.83 -34.75 6.63
N GLU B 108 -14.87 -33.82 5.67
CA GLU B 108 -13.78 -33.65 4.71
C GLU B 108 -13.80 -32.25 4.19
N VAL B 109 -12.63 -31.78 3.78
CA VAL B 109 -12.51 -30.46 3.19
C VAL B 109 -11.80 -30.54 1.86
N LYS B 110 -12.49 -30.11 0.80
CA LYS B 110 -11.92 -30.10 -0.52
C LYS B 110 -11.62 -28.65 -0.83
N ALA B 111 -10.33 -28.34 -0.87
CA ALA B 111 -9.84 -26.96 -1.00
C ALA B 111 -9.18 -26.81 -2.39
N TYR B 112 -9.49 -25.71 -3.07
CA TYR B 112 -9.06 -25.47 -4.44
C TYR B 112 -8.54 -24.05 -4.53
N THR B 113 -7.41 -23.88 -5.21
CA THR B 113 -6.89 -22.54 -5.41
C THR B 113 -6.04 -22.45 -6.67
N LEU B 114 -5.77 -21.23 -7.13
CA LEU B 114 -4.90 -21.05 -8.29
C LEU B 114 -3.46 -21.38 -7.93
N GLY B 115 -2.89 -20.65 -6.97
CA GLY B 115 -1.64 -21.03 -6.33
C GLY B 115 -0.46 -20.94 -7.27
N THR B 116 -0.59 -20.13 -8.31
CA THR B 116 0.51 -19.91 -9.27
C THR B 116 1.23 -18.59 -8.98
N SER B 117 2.15 -18.21 -9.87
CA SER B 117 3.00 -17.03 -9.64
C SER B 117 2.15 -15.80 -9.34
N GLY B 118 2.39 -15.24 -8.16
CA GLY B 118 1.64 -14.07 -7.73
C GLY B 118 0.59 -14.40 -6.69
N HIS B 119 0.08 -15.63 -6.74
CA HIS B 119 -1.03 -16.04 -5.86
C HIS B 119 -0.53 -16.88 -4.69
N GLU B 120 -1.34 -16.91 -3.63
CA GLU B 120 -1.04 -17.71 -2.44
C GLU B 120 -1.19 -19.20 -2.72
N LYS B 121 -0.23 -20.00 -2.22
CA LYS B 121 -0.27 -21.48 -2.32
C LYS B 121 -0.65 -22.04 -0.94
N PRO B 122 -1.29 -23.23 -0.89
CA PRO B 122 -1.57 -23.88 0.39
C PRO B 122 -0.28 -23.97 1.24
N ARG B 123 -0.40 -23.57 2.50
CA ARG B 123 0.69 -23.67 3.47
C ARG B 123 0.45 -24.92 4.33
N LEU B 124 1.34 -25.90 4.18
CA LEU B 124 1.13 -27.25 4.73
C LEU B 124 1.59 -27.38 6.17
N VAL B 125 0.62 -27.45 7.09
CA VAL B 125 0.88 -27.57 8.51
C VAL B 125 -0.06 -28.64 9.04
N GLU B 126 0.04 -28.95 10.32
CA GLU B 126 -0.65 -30.11 10.86
C GLU B 126 -1.45 -29.78 12.08
N THR B 127 -2.22 -28.69 11.99
CA THR B 127 -3.23 -28.39 12.98
C THR B 127 -4.31 -29.42 12.92
N PHE B 128 -5.09 -29.55 14.00
CA PHE B 128 -6.06 -30.59 14.22
C PHE B 128 -7.00 -30.80 13.03
N GLY B 129 -7.02 -32.04 12.50
CA GLY B 129 -7.83 -32.42 11.35
C GLY B 129 -7.25 -32.08 9.98
N TRP B 130 -5.98 -31.73 9.95
CA TRP B 130 -5.32 -31.35 8.69
C TRP B 130 -5.42 -32.44 7.59
N ASN B 131 -5.49 -33.69 8.02
CA ASN B 131 -5.49 -34.84 7.12
C ASN B 131 -6.86 -35.02 6.43
N LEU B 132 -7.86 -34.27 6.89
CA LEU B 132 -9.22 -34.24 6.26
C LEU B 132 -9.29 -33.30 5.05
N ILE B 133 -8.23 -32.52 4.86
CA ILE B 133 -8.17 -31.57 3.73
C ILE B 133 -7.45 -32.17 2.55
N THR B 134 -8.08 -32.03 1.37
CA THR B 134 -7.40 -32.27 0.13
C THR B 134 -7.22 -30.94 -0.56
N PHE B 135 -5.95 -30.56 -0.75
CA PHE B 135 -5.59 -29.31 -1.41
C PHE B 135 -5.35 -29.57 -2.88
N LYS B 136 -5.96 -28.78 -3.75
CA LYS B 136 -5.70 -28.87 -5.16
C LYS B 136 -5.37 -27.49 -5.69
N SER B 137 -4.16 -27.36 -6.23
CA SER B 137 -3.65 -26.12 -6.85
C SER B 137 -3.82 -26.14 -8.37
N LYS B 138 -3.50 -25.00 -8.99
CA LYS B 138 -3.62 -24.82 -10.43
C LYS B 138 -5.09 -24.95 -10.89
N VAL B 139 -6.03 -24.59 -10.02
CA VAL B 139 -7.46 -24.67 -10.33
C VAL B 139 -8.02 -23.27 -10.38
N ASP B 140 -8.68 -22.92 -11.48
CA ASP B 140 -9.44 -21.66 -11.54
C ASP B 140 -10.88 -21.96 -11.14
N VAL B 141 -11.25 -21.58 -9.92
CA VAL B 141 -12.58 -21.96 -9.36
C VAL B 141 -13.71 -21.23 -10.07
N THR B 142 -13.38 -20.14 -10.77
CA THR B 142 -14.39 -19.42 -11.52
C THR B 142 -14.78 -20.22 -12.75
N LYS B 143 -14.00 -21.25 -13.08
CA LYS B 143 -14.32 -22.10 -14.21
C LYS B 143 -14.70 -23.53 -13.81
N MET B 144 -14.75 -23.80 -12.51
CA MET B 144 -14.98 -25.17 -12.05
C MET B 144 -16.47 -25.37 -11.82
N GLU B 145 -17.01 -26.48 -12.30
CA GLU B 145 -18.44 -26.77 -12.07
C GLU B 145 -18.66 -27.26 -10.66
N PRO B 146 -19.82 -26.95 -10.08
CA PRO B 146 -20.13 -27.50 -8.75
C PRO B 146 -20.29 -29.03 -8.64
N PHE B 147 -20.18 -29.52 -7.41
CA PHE B 147 -20.42 -30.90 -7.11
C PHE B 147 -21.04 -30.90 -5.72
N GLN B 148 -21.33 -32.08 -5.17
CA GLN B 148 -21.98 -32.20 -3.88
C GLN B 148 -21.13 -31.63 -2.75
N ALA B 149 -21.71 -30.69 -1.98
CA ALA B 149 -21.04 -30.18 -0.77
C ALA B 149 -22.11 -29.79 0.25
N ASP B 150 -21.83 -29.97 1.54
CA ASP B 150 -22.78 -29.58 2.59
C ASP B 150 -22.53 -28.16 3.06
N THR B 151 -21.33 -27.66 2.79
CA THR B 151 -20.90 -26.30 3.20
C THR B 151 -20.03 -25.72 2.08
N VAL B 152 -20.34 -24.50 1.65
CA VAL B 152 -19.57 -23.84 0.56
C VAL B 152 -18.88 -22.60 1.16
N LEU B 153 -17.55 -22.64 1.22
CA LEU B 153 -16.76 -21.50 1.71
C LEU B 153 -16.00 -20.87 0.55
N CYS B 154 -15.85 -19.54 0.58
CA CYS B 154 -15.14 -18.83 -0.46
C CYS B 154 -14.67 -17.49 0.07
N ASP B 155 -13.36 -17.32 0.24
CA ASP B 155 -12.83 -16.03 0.67
C ASP B 155 -11.99 -15.37 -0.42
N ILE B 156 -12.48 -15.38 -1.66
CA ILE B 156 -11.76 -14.81 -2.77
C ILE B 156 -12.03 -13.30 -2.91
N GLY B 157 -11.00 -12.53 -3.22
CA GLY B 157 -11.17 -11.12 -3.53
C GLY B 157 -9.91 -10.40 -3.16
N GLU B 158 -9.20 -9.93 -4.17
CA GLU B 158 -8.01 -9.14 -3.96
C GLU B 158 -8.40 -7.69 -4.12
N SER B 159 -8.08 -6.84 -3.14
CA SER B 159 -8.42 -5.41 -3.24
C SER B 159 -7.79 -4.76 -4.49
N ASN B 160 -8.49 -3.79 -5.06
CA ASN B 160 -7.97 -3.09 -6.23
C ASN B 160 -8.36 -1.63 -6.11
N PRO B 161 -7.44 -0.69 -6.47
CA PRO B 161 -7.79 0.73 -6.33
C PRO B 161 -9.08 1.15 -7.09
N THR B 162 -9.45 0.40 -8.13
CA THR B 162 -10.58 0.79 -9.02
C THR B 162 -11.79 0.00 -8.60
N ALA B 163 -12.80 0.67 -8.07
CA ALA B 163 -13.99 -0.03 -7.54
C ALA B 163 -14.71 -0.88 -8.60
N ALA B 164 -14.73 -0.45 -9.87
CA ALA B 164 -15.40 -1.21 -10.93
C ALA B 164 -14.71 -2.53 -11.22
N VAL B 165 -13.39 -2.55 -11.08
CA VAL B 165 -12.64 -3.79 -11.17
C VAL B 165 -13.08 -4.77 -10.06
N GLU B 166 -13.13 -4.27 -8.82
CA GLU B 166 -13.58 -5.09 -7.69
C GLU B 166 -15.03 -5.58 -7.88
N ALA B 167 -15.89 -4.70 -8.41
CA ALA B 167 -17.31 -5.03 -8.58
C ALA B 167 -17.45 -6.19 -9.58
N SER B 168 -16.69 -6.09 -10.65
CA SER B 168 -16.65 -7.09 -11.71
C SER B 168 -16.16 -8.44 -11.18
N ARG B 169 -15.13 -8.42 -10.36
CA ARG B 169 -14.64 -9.63 -9.74
C ARG B 169 -15.61 -10.22 -8.73
N THR B 170 -16.29 -9.35 -7.97
CA THR B 170 -17.28 -9.78 -6.99
C THR B 170 -18.47 -10.45 -7.69
N LEU B 171 -18.96 -9.83 -8.76
CA LEU B 171 -20.02 -10.44 -9.57
C LEU B 171 -19.63 -11.82 -10.12
N THR B 172 -18.40 -11.95 -10.60
CA THR B 172 -17.91 -13.25 -11.08
C THR B 172 -18.01 -14.28 -9.95
N VAL B 173 -17.49 -13.94 -8.78
CA VAL B 173 -17.57 -14.82 -7.61
C VAL B 173 -19.03 -15.20 -7.26
N LEU B 174 -19.91 -14.19 -7.17
CA LEU B 174 -21.31 -14.46 -6.79
C LEU B 174 -22.03 -15.34 -7.81
N ASN B 175 -21.70 -15.16 -9.08
CA ASN B 175 -22.29 -16.00 -10.14
C ASN B 175 -21.85 -17.46 -9.97
N VAL B 176 -20.56 -17.67 -9.72
CA VAL B 176 -20.05 -19.03 -9.44
C VAL B 176 -20.72 -19.58 -8.17
N ILE B 177 -20.77 -18.77 -7.13
CA ILE B 177 -21.40 -19.20 -5.87
C ILE B 177 -22.90 -19.59 -6.01
N SER B 178 -23.66 -18.84 -6.81
CA SER B 178 -25.07 -19.17 -7.05
C SER B 178 -25.24 -20.55 -7.62
N ARG B 179 -24.33 -20.96 -8.53
CA ARG B 179 -24.35 -22.32 -9.06
C ARG B 179 -24.18 -23.38 -7.96
N TRP B 180 -23.17 -23.20 -7.09
CA TRP B 180 -22.95 -24.11 -5.96
C TRP B 180 -24.18 -24.19 -5.02
N LEU B 181 -24.84 -23.05 -4.78
CA LEU B 181 -25.96 -22.97 -3.84
C LEU B 181 -27.22 -23.55 -4.47
N GLU B 182 -27.37 -23.37 -5.78
CA GLU B 182 -28.47 -23.97 -6.52
C GLU B 182 -28.32 -25.49 -6.53
N TYR B 183 -27.09 -25.96 -6.77
CA TYR B 183 -26.75 -27.38 -6.82
C TYR B 183 -26.98 -28.04 -5.47
N ASN B 184 -26.55 -27.40 -4.39
CA ASN B 184 -26.64 -27.97 -3.03
C ASN B 184 -27.70 -27.27 -2.16
N GLN B 185 -28.95 -27.71 -2.34
CA GLN B 185 -30.10 -27.17 -1.62
C GLN B 185 -29.90 -27.19 -0.12
N GLY B 186 -30.07 -26.04 0.49
CA GLY B 186 -29.96 -25.96 1.94
C GLY B 186 -28.54 -26.02 2.49
N CYS B 187 -27.52 -25.97 1.63
CA CYS B 187 -26.15 -25.97 2.14
C CYS B 187 -25.86 -24.68 2.95
N GLY B 188 -24.94 -24.80 3.89
CA GLY B 188 -24.35 -23.64 4.59
C GLY B 188 -23.36 -22.96 3.66
N PHE B 189 -23.17 -21.66 3.83
CA PHE B 189 -22.22 -20.90 3.03
C PHE B 189 -21.70 -19.70 3.80
N CYS B 190 -20.51 -19.25 3.40
CA CYS B 190 -19.86 -18.07 3.95
C CYS B 190 -18.96 -17.60 2.82
N VAL B 191 -19.30 -16.45 2.22
CA VAL B 191 -18.69 -16.04 0.96
C VAL B 191 -18.28 -14.58 1.10
N LYS B 192 -17.00 -14.30 0.84
CA LYS B 192 -16.56 -12.90 0.80
C LYS B 192 -17.15 -12.13 -0.38
N VAL B 193 -17.62 -10.94 -0.06
CA VAL B 193 -18.13 -10.00 -1.05
C VAL B 193 -17.19 -8.78 -0.97
N LEU B 194 -16.23 -8.72 -1.88
CA LEU B 194 -15.15 -7.75 -1.80
C LEU B 194 -15.67 -6.28 -1.89
N ASN B 195 -16.51 -6.03 -2.88
CA ASN B 195 -17.17 -4.75 -3.06
C ASN B 195 -18.69 -4.93 -2.99
N PRO B 196 -19.29 -4.78 -1.77
CA PRO B 196 -20.73 -4.97 -1.61
C PRO B 196 -21.56 -3.72 -1.89
N TYR B 197 -20.93 -2.57 -2.14
CA TYR B 197 -21.66 -1.30 -2.31
C TYR B 197 -22.01 -0.99 -3.77
N SER B 198 -21.31 -1.62 -4.71
CA SER B 198 -21.62 -1.49 -6.13
C SER B 198 -23.08 -1.85 -6.38
N CYS B 199 -23.74 -1.06 -7.22
CA CYS B 199 -25.17 -1.23 -7.53
C CYS B 199 -25.45 -2.62 -8.10
N ASP B 200 -24.64 -3.05 -9.06
CA ASP B 200 -24.76 -4.37 -9.66
C ASP B 200 -24.61 -5.49 -8.63
N VAL B 201 -23.57 -5.38 -7.78
CA VAL B 201 -23.37 -6.35 -6.70
C VAL B 201 -24.58 -6.42 -5.76
N LEU B 202 -25.08 -5.27 -5.34
CA LEU B 202 -26.24 -5.21 -4.45
C LEU B 202 -27.46 -5.89 -5.05
N GLU B 203 -27.75 -5.61 -6.31
CA GLU B 203 -28.84 -6.31 -7.04
C GLU B 203 -28.63 -7.83 -7.12
N ALA B 204 -27.39 -8.26 -7.37
CA ALA B 204 -27.07 -9.68 -7.43
C ALA B 204 -27.26 -10.32 -6.06
N LEU B 205 -26.84 -9.64 -5.00
CA LEU B 205 -27.03 -10.15 -3.63
C LEU B 205 -28.48 -10.23 -3.19
N MET B 206 -29.30 -9.23 -3.58
CA MET B 206 -30.75 -9.25 -3.30
C MET B 206 -31.40 -10.51 -3.91
N LYS B 207 -31.05 -10.82 -5.16
CA LYS B 207 -31.50 -12.03 -5.83
C LYS B 207 -31.01 -13.33 -5.17
N MET B 208 -29.72 -13.41 -4.82
CA MET B 208 -29.23 -14.58 -4.10
C MET B 208 -29.92 -14.74 -2.75
N GLN B 209 -30.13 -13.64 -2.03
CA GLN B 209 -30.83 -13.72 -0.73
C GLN B 209 -32.26 -14.22 -0.92
N ALA B 210 -32.94 -13.71 -1.96
CA ALA B 210 -34.28 -14.19 -2.32
C ALA B 210 -34.28 -15.71 -2.62
N ARG B 211 -33.28 -16.17 -3.39
CA ARG B 211 -33.19 -17.59 -3.77
C ARG B 211 -32.74 -18.48 -2.61
N PHE B 212 -31.76 -18.02 -1.82
CA PHE B 212 -31.03 -18.92 -0.93
C PHE B 212 -31.08 -18.56 0.52
N GLY B 213 -31.73 -17.45 0.85
CA GLY B 213 -31.72 -16.95 2.23
C GLY B 213 -30.41 -16.26 2.57
N GLY B 214 -30.14 -16.17 3.87
CA GLY B 214 -28.87 -15.69 4.37
C GLY B 214 -28.85 -14.18 4.58
N GLY B 215 -27.67 -13.67 4.94
CA GLY B 215 -27.50 -12.25 5.14
C GLY B 215 -26.06 -11.80 4.89
N LEU B 216 -25.81 -10.52 5.12
CA LEU B 216 -24.53 -9.94 4.75
C LEU B 216 -23.96 -9.21 5.94
N ILE B 217 -22.81 -9.65 6.41
CA ILE B 217 -22.22 -9.09 7.64
C ILE B 217 -20.82 -8.53 7.51
N ARG B 218 -20.45 -7.69 8.47
CA ARG B 218 -19.12 -7.13 8.62
C ARG B 218 -18.40 -7.76 9.83
N VAL B 219 -17.16 -8.18 9.61
CA VAL B 219 -16.34 -8.76 10.68
C VAL B 219 -15.45 -7.64 11.19
N PRO B 220 -15.40 -7.45 12.54
CA PRO B 220 -14.59 -6.36 13.13
C PRO B 220 -13.10 -6.51 13.00
N LEU B 221 -12.66 -7.70 12.55
CA LEU B 221 -11.26 -7.99 12.17
C LEU B 221 -10.90 -7.48 10.78
N SER B 222 -11.91 -7.14 9.96
CA SER B 222 -11.58 -6.57 8.64
C SER B 222 -11.01 -5.17 8.82
N ARG B 223 -9.97 -4.86 8.06
CA ARG B 223 -9.32 -3.55 8.14
C ARG B 223 -10.15 -2.48 7.48
N ASN B 224 -9.86 -1.21 7.78
CA ASN B 224 -10.74 -0.14 7.31
C ASN B 224 -10.45 0.17 5.84
N SER B 225 -9.35 -0.40 5.32
CA SER B 225 -8.91 -0.21 3.96
C SER B 225 -9.64 -1.19 2.99
N THR B 226 -10.55 -1.96 3.54
CA THR B 226 -11.41 -2.84 2.72
C THR B 226 -12.86 -2.76 3.17
N HIS B 227 -13.79 -2.72 2.20
CA HIS B 227 -15.23 -2.70 2.47
C HIS B 227 -15.84 -4.14 2.47
N GLU B 228 -14.98 -5.16 2.47
CA GLU B 228 -15.42 -6.57 2.38
C GLU B 228 -16.48 -6.93 3.42
N MET B 229 -17.47 -7.67 2.97
CA MET B 229 -18.50 -8.17 3.86
C MET B 229 -18.71 -9.62 3.48
N TYR B 230 -19.43 -10.38 4.32
CA TYR B 230 -19.57 -11.82 4.12
C TYR B 230 -21.04 -12.18 3.98
N PHE B 231 -21.34 -12.89 2.90
CA PHE B 231 -22.66 -13.41 2.61
C PHE B 231 -22.69 -14.81 3.28
N VAL B 232 -23.55 -14.95 4.29
CA VAL B 232 -23.54 -16.09 5.23
C VAL B 232 -24.97 -16.67 5.32
N SER B 233 -25.07 -17.99 5.51
CA SER B 233 -26.36 -18.70 5.50
C SER B 233 -27.07 -18.65 6.87
N GLY B 234 -26.32 -18.39 7.92
CA GLY B 234 -26.82 -18.54 9.30
C GLY B 234 -27.73 -17.44 9.86
N ILE B 235 -27.75 -16.27 9.25
CA ILE B 235 -28.72 -15.23 9.66
C ILE B 235 -29.35 -14.58 8.44
N LYS B 236 -30.54 -14.01 8.62
CA LYS B 236 -31.20 -13.20 7.60
C LYS B 236 -31.16 -11.78 8.13
N ASN B 237 -30.66 -10.88 7.32
CA ASN B 237 -30.61 -9.47 7.73
C ASN B 237 -30.86 -8.60 6.53
N ASN B 238 -30.87 -7.29 6.78
CA ASN B 238 -31.17 -6.31 5.76
C ASN B 238 -29.87 -5.94 5.05
N ILE B 239 -29.72 -6.42 3.81
CA ILE B 239 -28.45 -6.30 3.10
C ILE B 239 -28.09 -4.84 2.86
N MET B 240 -29.04 -4.09 2.30
CA MET B 240 -28.80 -2.68 2.00
C MET B 240 -28.43 -1.89 3.21
N GLY B 241 -29.17 -2.08 4.30
CA GLY B 241 -28.89 -1.36 5.54
C GLY B 241 -27.53 -1.66 6.14
N ASN B 242 -27.15 -2.94 6.09
CA ASN B 242 -25.84 -3.35 6.57
C ASN B 242 -24.68 -2.78 5.73
N VAL B 243 -24.86 -2.71 4.41
CA VAL B 243 -23.83 -2.14 3.52
C VAL B 243 -23.63 -0.67 3.87
N THR B 244 -24.75 0.06 3.96
CA THR B 244 -24.71 1.46 4.28
C THR B 244 -24.06 1.70 5.64
N ALA B 245 -24.40 0.87 6.63
CA ALA B 245 -23.83 0.99 7.98
C ALA B 245 -22.32 0.85 7.95
N VAL B 246 -21.83 -0.10 7.16
CA VAL B 246 -20.39 -0.25 7.00
C VAL B 246 -19.77 0.99 6.34
N SER B 247 -20.31 1.46 5.22
CA SER B 247 -19.78 2.68 4.59
C SER B 247 -19.69 3.86 5.57
N ARG B 248 -20.74 4.07 6.39
CA ARG B 248 -20.82 5.19 7.34
C ARG B 248 -19.76 5.05 8.38
N GLN B 249 -19.64 3.84 8.95
CA GLN B 249 -18.58 3.52 9.93
C GLN B 249 -17.19 3.77 9.39
N LEU B 250 -16.93 3.30 8.17
CA LEU B 250 -15.58 3.47 7.59
C LEU B 250 -15.28 4.95 7.27
N LEU B 251 -16.30 5.70 6.83
CA LEU B 251 -16.16 7.17 6.67
C LEU B 251 -15.93 7.88 8.02
N LYS B 252 -16.69 7.51 9.05
CA LYS B 252 -16.51 8.12 10.38
C LYS B 252 -15.09 7.86 10.93
N ARG B 253 -14.58 6.64 10.77
CA ARG B 253 -13.21 6.32 11.23
C ARG B 253 -12.11 7.12 10.59
N MET B 254 -12.34 7.66 9.39
CA MET B 254 -11.35 8.51 8.70
C MET B 254 -11.20 9.88 9.34
N GLU B 255 -12.20 10.26 10.13
CA GLU B 255 -12.20 11.52 10.87
C GLU B 255 -11.82 11.35 12.35
N GLU B 256 -11.50 10.12 12.76
CA GLU B 256 -11.19 9.84 14.15
C GLU B 256 -9.72 9.53 14.33
N GLN B 257 -9.29 9.46 15.59
CA GLN B 257 -7.93 9.09 15.89
C GLN B 257 -7.99 7.91 16.84
N GLY B 258 -6.99 7.03 16.76
CA GLY B 258 -7.06 5.77 17.49
C GLY B 258 -6.23 4.71 16.79
N GLY B 259 -5.83 3.70 17.57
CA GLY B 259 -5.05 2.59 17.02
C GLY B 259 -5.93 1.35 17.01
N GLU B 260 -5.29 0.21 16.78
CA GLU B 260 -6.01 -1.08 16.71
C GLU B 260 -6.22 -1.68 18.11
N ARG B 261 -7.23 -2.56 18.23
CA ARG B 261 -7.36 -3.48 19.36
C ARG B 261 -6.65 -4.82 19.09
N VAL B 262 -5.52 -5.07 19.76
CA VAL B 262 -4.80 -6.34 19.66
C VAL B 262 -5.48 -7.41 20.53
N VAL B 263 -5.75 -8.56 19.92
CA VAL B 263 -6.26 -9.73 20.61
C VAL B 263 -5.35 -10.94 20.28
N PRO B 264 -5.42 -12.01 21.11
CA PRO B 264 -4.61 -13.18 20.77
C PRO B 264 -5.14 -13.86 19.48
N ASP B 265 -4.23 -14.39 18.67
CA ASP B 265 -4.62 -15.12 17.46
C ASP B 265 -5.37 -16.42 17.79
N TYR B 266 -6.11 -16.97 16.83
CA TYR B 266 -6.77 -18.25 17.03
C TYR B 266 -5.69 -19.33 17.17
N LYS B 267 -5.84 -20.20 18.15
CA LYS B 267 -4.85 -21.29 18.32
C LYS B 267 -5.50 -22.67 18.21
N PHE B 268 -4.87 -23.58 17.48
CA PHE B 268 -5.40 -24.92 17.26
C PHE B 268 -4.71 -25.94 18.17
N SER B 269 -5.40 -27.05 18.46
CA SER B 269 -4.73 -28.34 18.77
C SER B 269 -3.98 -28.83 17.52
N THR B 270 -3.21 -29.90 17.68
CA THR B 270 -2.50 -30.51 16.56
C THR B 270 -2.94 -31.94 16.39
N GLY B 271 -2.55 -32.54 15.26
CA GLY B 271 -2.80 -33.96 15.01
C GLY B 271 -3.89 -34.28 14.01
N THR B 272 -4.00 -35.58 13.74
CA THR B 272 -4.94 -36.07 12.76
C THR B 272 -6.31 -36.33 13.36
N ARG B 273 -7.32 -36.40 12.49
CA ARG B 273 -8.64 -36.86 12.87
C ARG B 273 -8.96 -38.14 12.11
N SER B 274 -9.77 -38.98 12.74
CA SER B 274 -10.22 -40.27 12.23
C SER B 274 -11.31 -40.81 13.18
N ASN B 275 -11.85 -41.99 12.85
CA ASN B 275 -12.70 -42.75 13.78
C ASN B 275 -12.40 -44.28 13.94
S SO4 C . 2.00 7.73 -1.22
O1 SO4 C . 1.16 6.51 -1.43
O2 SO4 C . 2.59 8.12 -2.49
O3 SO4 C . 1.11 8.80 -0.76
O4 SO4 C . 3.00 7.47 -0.21
#